data_5C93
#
_entry.id   5C93
#
_cell.length_a   54.645
_cell.length_b   97.757
_cell.length_c   117.342
_cell.angle_alpha   90.00
_cell.angle_beta   90.00
_cell.angle_gamma   90.00
#
_symmetry.space_group_name_H-M   'P 21 21 21'
#
loop_
_entity.id
_entity.type
_entity.pdbx_description
1 polymer 'Histidine kinase'
2 non-polymer 'PHOSPHOMETHYLPHOSPHONIC ACID ADENYLATE ESTER'
3 non-polymer 'SULFATE ION'
4 water water
#
_entity_poly.entity_id   1
_entity_poly.type   'polypeptide(L)'
_entity_poly.pdbx_seq_one_letter_code
;HDVTEQQKIDNDRKQFVSNVSHELRTPLTSLRSYIEALSDGAWKDPEVAPGFLKVTQEETDRMIRMINELLSLSRMDSGT
TRVDMELVNINEMFNYVLDRFDMILKKDDNPAKYYTIKREFTKRDLWVEIDTDKFTQVLDNIMNNAIKYSPDGGVVTCRL
LETHNQVIISISDQGLGIPRADLGHVFDRFFRVDKARSRAQGGTGLGLAISKEVVQMLGGRIWVDSVEGKGSTFYISLPY
EPYEEEDLWDDDSQA
;
_entity_poly.pdbx_strand_id   A,B
#
# COMPACT_ATOMS: atom_id res chain seq x y z
N VAL A 3 31.42 -13.93 11.65
CA VAL A 3 30.91 -13.05 10.61
C VAL A 3 29.74 -13.73 9.89
N THR A 4 29.45 -14.97 10.30
CA THR A 4 28.19 -15.59 9.90
C THR A 4 27.04 -14.76 10.44
N GLU A 5 27.34 -13.92 11.44
CA GLU A 5 26.40 -12.93 11.95
C GLU A 5 25.94 -11.98 10.86
N GLN A 6 26.86 -11.20 10.32
CA GLN A 6 26.54 -10.25 9.25
C GLN A 6 26.14 -10.99 7.98
N GLN A 7 26.61 -12.23 7.86
CA GLN A 7 26.29 -13.10 6.72
C GLN A 7 24.82 -13.47 6.71
N LYS A 8 24.35 -13.99 7.85
CA LYS A 8 22.95 -14.39 8.02
C LYS A 8 22.01 -13.20 7.88
N ILE A 9 22.46 -12.04 8.35
CA ILE A 9 21.71 -10.80 8.20
C ILE A 9 21.55 -10.45 6.72
N ASP A 10 22.67 -10.50 5.99
CA ASP A 10 22.68 -10.13 4.58
C ASP A 10 21.97 -11.16 3.70
N ASN A 11 21.90 -12.40 4.17
CA ASN A 11 21.28 -13.47 3.39
C ASN A 11 19.77 -13.57 3.63
N ASP A 12 19.35 -13.27 4.85
CA ASP A 12 17.92 -13.16 5.14
C ASP A 12 17.31 -12.05 4.30
N ARG A 13 18.05 -10.95 4.19
CA ARG A 13 17.60 -9.79 3.44
C ARG A 13 17.47 -10.10 1.96
N LYS A 14 18.41 -10.88 1.42
CA LYS A 14 18.42 -11.15 -0.01
C LYS A 14 17.26 -12.05 -0.43
N GLN A 15 16.91 -13.02 0.40
CA GLN A 15 15.76 -13.87 0.10
C GLN A 15 14.42 -13.15 0.28
N PHE A 16 14.34 -12.30 1.30
CA PHE A 16 13.16 -11.46 1.50
C PHE A 16 12.91 -10.58 0.27
N VAL A 17 13.97 -9.95 -0.22
CA VAL A 17 13.89 -9.07 -1.39
C VAL A 17 13.42 -9.86 -2.62
N SER A 18 14.01 -11.04 -2.82
CA SER A 18 13.62 -11.93 -3.92
C SER A 18 12.15 -12.31 -3.81
N ASN A 19 11.72 -12.64 -2.60
CA ASN A 19 10.34 -13.03 -2.34
C ASN A 19 9.37 -11.90 -2.65
N VAL A 20 9.75 -10.68 -2.31
CA VAL A 20 8.91 -9.52 -2.57
C VAL A 20 8.77 -9.30 -4.08
N SER A 21 9.86 -9.53 -4.81
CA SER A 21 9.83 -9.48 -6.28
C SER A 21 8.88 -10.52 -6.84
N HIS A 22 9.01 -11.75 -6.36
CA HIS A 22 8.17 -12.86 -6.82
CA HIS A 22 8.16 -12.85 -6.82
C HIS A 22 6.69 -12.64 -6.45
N GLU A 23 6.45 -12.24 -5.20
CA GLU A 23 5.09 -12.12 -4.70
C GLU A 23 4.32 -10.93 -5.28
N LEU A 24 5.02 -9.89 -5.70
CA LEU A 24 4.34 -8.77 -6.34
C LEU A 24 4.13 -9.04 -7.83
N ARG A 25 4.96 -9.93 -8.37
CA ARG A 25 4.97 -10.22 -9.80
C ARG A 25 3.78 -11.11 -10.17
N THR A 26 3.41 -11.98 -9.23
CA THR A 26 2.40 -13.00 -9.45
C THR A 26 0.97 -12.47 -9.68
N PRO A 27 0.48 -11.54 -8.82
CA PRO A 27 -0.86 -11.03 -9.12
C PRO A 27 -0.91 -10.25 -10.43
N LEU A 28 0.13 -9.48 -10.70
CA LEU A 28 0.24 -8.70 -11.93
C LEU A 28 0.20 -9.56 -13.18
N THR A 29 0.84 -10.73 -13.11
CA THR A 29 0.87 -11.65 -14.25
C THR A 29 -0.53 -12.25 -14.46
N SER A 30 -1.21 -12.56 -13.36
CA SER A 30 -2.60 -12.98 -13.43
C SER A 30 -3.45 -11.89 -14.08
N LEU A 31 -3.28 -10.66 -13.58
CA LEU A 31 -3.97 -9.49 -14.12
C LEU A 31 -3.79 -9.35 -15.63
N ARG A 32 -2.54 -9.49 -16.06
CA ARG A 32 -2.17 -9.31 -17.46
C ARG A 32 -2.94 -10.28 -18.35
N SER A 33 -3.09 -11.52 -17.88
CA SER A 33 -3.83 -12.54 -18.61
C SER A 33 -5.31 -12.19 -18.78
N TYR A 34 -5.94 -11.76 -17.69
CA TYR A 34 -7.35 -11.37 -17.72
C TYR A 34 -7.59 -10.13 -18.56
N ILE A 35 -6.66 -9.19 -18.51
CA ILE A 35 -6.80 -7.97 -19.28
C ILE A 35 -6.69 -8.27 -20.77
N GLU A 36 -5.80 -9.20 -21.13
CA GLU A 36 -5.62 -9.55 -22.53
C GLU A 36 -6.85 -10.30 -23.07
N ALA A 37 -7.44 -11.15 -22.24
CA ALA A 37 -8.66 -11.84 -22.64
C ALA A 37 -9.78 -10.85 -22.89
N LEU A 38 -9.94 -9.90 -21.98
CA LEU A 38 -10.93 -8.84 -22.14
C LEU A 38 -10.64 -8.00 -23.38
N SER A 39 -9.38 -7.61 -23.55
CA SER A 39 -8.97 -6.81 -24.71
C SER A 39 -9.12 -7.58 -26.01
N ASP A 40 -8.88 -8.90 -25.96
CA ASP A 40 -8.96 -9.71 -27.17
C ASP A 40 -10.40 -9.90 -27.62
N GLY A 41 -11.36 -9.52 -26.77
CA GLY A 41 -12.76 -9.57 -27.17
C GLY A 41 -13.78 -9.93 -26.10
N ALA A 42 -13.31 -10.47 -24.99
CA ALA A 42 -14.22 -10.93 -23.94
C ALA A 42 -15.04 -9.81 -23.31
N TRP A 43 -14.62 -8.56 -23.49
CA TRP A 43 -15.39 -7.42 -22.97
C TRP A 43 -16.75 -7.29 -23.67
N LYS A 44 -16.83 -7.80 -24.90
CA LYS A 44 -18.08 -7.74 -25.67
C LYS A 44 -19.07 -8.80 -25.17
N ASP A 45 -18.58 -9.73 -24.35
CA ASP A 45 -19.35 -10.90 -23.96
C ASP A 45 -19.88 -10.76 -22.53
N PRO A 46 -21.20 -10.63 -22.38
CA PRO A 46 -21.86 -10.38 -21.10
C PRO A 46 -21.72 -11.51 -20.07
N GLU A 47 -21.51 -12.75 -20.52
CA GLU A 47 -21.45 -13.87 -19.60
C GLU A 47 -20.05 -14.15 -19.06
N VAL A 48 -19.06 -13.39 -19.49
CA VAL A 48 -17.71 -13.57 -18.97
C VAL A 48 -17.06 -12.24 -18.54
N ALA A 49 -17.41 -11.15 -19.21
CA ALA A 49 -16.79 -9.85 -18.92
C ALA A 49 -16.97 -9.36 -17.47
N PRO A 50 -18.21 -9.41 -16.93
CA PRO A 50 -18.35 -9.01 -15.53
C PRO A 50 -17.55 -9.90 -14.57
N GLY A 51 -17.56 -11.21 -14.82
CA GLY A 51 -16.83 -12.15 -14.01
C GLY A 51 -15.33 -11.90 -14.06
N PHE A 52 -14.82 -11.66 -15.25
CA PHE A 52 -13.40 -11.35 -15.45
C PHE A 52 -13.00 -10.05 -14.75
N LEU A 53 -13.83 -9.03 -14.87
CA LEU A 53 -13.52 -7.73 -14.27
C LEU A 53 -13.40 -7.82 -12.75
N LYS A 54 -14.26 -8.64 -12.14
CA LYS A 54 -14.23 -8.79 -10.69
C LYS A 54 -12.91 -9.38 -10.21
N VAL A 55 -12.42 -10.38 -10.94
CA VAL A 55 -11.16 -11.03 -10.60
C VAL A 55 -9.99 -10.05 -10.67
N THR A 56 -9.99 -9.21 -11.71
CA THR A 56 -8.94 -8.20 -11.87
C THR A 56 -8.99 -7.23 -10.70
N GLN A 57 -10.20 -6.91 -10.27
CA GLN A 57 -10.41 -6.01 -9.15
C GLN A 57 -9.84 -6.61 -7.86
N GLU A 58 -10.03 -7.91 -7.68
CA GLU A 58 -9.53 -8.61 -6.49
C GLU A 58 -8.01 -8.73 -6.48
N GLU A 59 -7.41 -8.97 -7.65
CA GLU A 59 -5.97 -9.08 -7.73
C GLU A 59 -5.34 -7.73 -7.43
N THR A 60 -6.00 -6.68 -7.91
CA THR A 60 -5.57 -5.31 -7.65
C THR A 60 -5.69 -4.98 -6.17
N ASP A 61 -6.84 -5.32 -5.58
CA ASP A 61 -7.09 -5.07 -4.16
C ASP A 61 -6.10 -5.82 -3.29
N ARG A 62 -5.76 -7.03 -3.70
CA ARG A 62 -4.84 -7.86 -2.94
C ARG A 62 -3.46 -7.21 -2.93
N MET A 63 -3.06 -6.65 -4.07
CA MET A 63 -1.77 -6.00 -4.18
C MET A 63 -1.70 -4.73 -3.36
N ILE A 64 -2.83 -4.05 -3.22
CA ILE A 64 -2.87 -2.83 -2.42
C ILE A 64 -2.69 -3.20 -0.95
N ARG A 65 -3.31 -4.29 -0.52
CA ARG A 65 -3.09 -4.78 0.84
C ARG A 65 -1.63 -5.20 1.04
N MET A 66 -1.01 -5.72 -0.01
CA MET A 66 0.37 -6.17 0.08
C MET A 66 1.29 -4.97 0.22
N ILE A 67 1.08 -3.96 -0.62
CA ILE A 67 1.88 -2.73 -0.60
C ILE A 67 1.81 -2.06 0.77
N ASN A 68 0.61 -1.98 1.34
CA ASN A 68 0.43 -1.38 2.66
C ASN A 68 1.17 -2.18 3.74
N GLU A 69 1.15 -3.50 3.63
CA GLU A 69 1.77 -4.34 4.65
C GLU A 69 3.29 -4.30 4.51
N LEU A 70 3.76 -4.25 3.26
CA LEU A 70 5.18 -4.12 2.97
C LEU A 70 5.71 -2.77 3.47
N LEU A 71 4.81 -1.80 3.61
CA LEU A 71 5.18 -0.48 4.08
C LEU A 71 5.27 -0.44 5.61
N SER A 72 4.41 -1.20 6.28
CA SER A 72 4.45 -1.27 7.73
C SER A 72 5.75 -1.95 8.15
N LEU A 73 6.12 -3.00 7.42
CA LEU A 73 7.33 -3.73 7.71
C LEU A 73 8.58 -2.90 7.44
N SER A 74 8.51 -1.99 6.47
CA SER A 74 9.67 -1.19 6.10
C SER A 74 9.91 -0.06 7.10
N ARG A 75 8.84 0.42 7.72
CA ARG A 75 8.97 1.47 8.72
C ARG A 75 9.50 0.84 10.00
N MET A 76 9.03 -0.37 10.27
CA MET A 76 9.47 -1.16 11.40
C MET A 76 10.94 -1.55 11.23
N ASP A 77 11.31 -1.92 10.01
CA ASP A 77 12.68 -2.34 9.71
C ASP A 77 13.68 -1.18 9.78
N SER A 78 13.18 0.05 9.92
CA SER A 78 14.05 1.22 9.89
C SER A 78 13.97 2.04 11.18
N GLY A 79 13.00 1.74 12.03
CA GLY A 79 12.80 2.49 13.25
C GLY A 79 12.06 3.80 12.99
N THR A 80 11.40 3.86 11.84
CA THR A 80 10.61 5.02 11.46
C THR A 80 9.24 4.93 12.12
N THR A 81 8.84 3.72 12.47
CA THR A 81 7.56 3.47 13.12
C THR A 81 7.45 4.29 14.41
N ARG A 82 6.31 4.97 14.56
CA ARG A 82 6.02 5.80 15.71
C ARG A 82 5.07 5.10 16.68
N VAL A 83 5.59 4.72 17.84
CA VAL A 83 4.78 3.98 18.79
C VAL A 83 4.48 4.81 20.02
N ASP A 84 3.22 4.76 20.44
CA ASP A 84 2.72 5.58 21.54
C ASP A 84 2.24 4.73 22.71
N MET A 85 3.12 4.55 23.70
CA MET A 85 2.77 3.73 24.86
C MET A 85 1.91 4.57 25.80
N GLU A 86 0.70 4.09 26.08
CA GLU A 86 -0.19 4.77 27.03
C GLU A 86 -0.88 3.78 27.95
N LEU A 87 -1.18 4.22 29.17
CA LEU A 87 -1.86 3.37 30.13
C LEU A 87 -3.33 3.17 29.76
N VAL A 88 -3.68 1.93 29.46
CA VAL A 88 -5.03 1.57 29.02
C VAL A 88 -5.55 0.37 29.79
N ASN A 89 -6.86 0.24 29.89
CA ASN A 89 -7.48 -0.95 30.47
C ASN A 89 -7.53 -2.09 29.44
N ILE A 90 -6.63 -3.05 29.59
CA ILE A 90 -6.50 -4.16 28.64
C ILE A 90 -7.74 -5.06 28.59
N ASN A 91 -8.32 -5.31 29.76
CA ASN A 91 -9.57 -6.08 29.85
C ASN A 91 -10.64 -5.55 28.90
N GLU A 92 -10.89 -4.25 28.98
CA GLU A 92 -11.92 -3.59 28.17
C GLU A 92 -11.55 -3.56 26.70
N MET A 93 -10.28 -3.31 26.41
CA MET A 93 -9.82 -3.25 25.03
C MET A 93 -10.00 -4.60 24.34
N PHE A 94 -9.54 -5.66 25.01
CA PHE A 94 -9.65 -7.01 24.48
C PHE A 94 -11.13 -7.38 24.32
N ASN A 95 -11.95 -6.97 25.27
CA ASN A 95 -13.39 -7.18 25.20
C ASN A 95 -14.04 -6.50 24.00
N TYR A 96 -13.58 -5.29 23.68
CA TYR A 96 -14.12 -4.55 22.55
C TYR A 96 -13.76 -5.23 21.24
N VAL A 97 -12.52 -5.70 21.15
CA VAL A 97 -12.06 -6.46 19.99
C VAL A 97 -12.97 -7.67 19.77
N LEU A 98 -13.23 -8.40 20.85
CA LEU A 98 -14.09 -9.57 20.78
C LEU A 98 -15.54 -9.19 20.50
N ASP A 99 -15.97 -8.04 21.02
CA ASP A 99 -17.32 -7.53 20.78
C ASP A 99 -17.58 -7.26 19.30
N ARG A 100 -16.58 -6.68 18.65
CA ARG A 100 -16.67 -6.38 17.24
C ARG A 100 -16.72 -7.64 16.37
N PHE A 101 -16.00 -8.69 16.76
CA PHE A 101 -16.08 -9.96 16.05
C PHE A 101 -17.42 -10.65 16.27
N ASP A 102 -17.92 -10.55 17.50
CA ASP A 102 -19.24 -11.07 17.85
C ASP A 102 -20.34 -10.40 17.01
N MET A 103 -20.19 -9.09 16.82
CA MET A 103 -21.16 -8.29 16.10
C MET A 103 -21.25 -8.72 14.63
N ILE A 104 -20.10 -9.01 14.05
CA ILE A 104 -20.03 -9.50 12.68
C ILE A 104 -20.84 -10.78 12.47
N LEU A 105 -20.68 -11.75 13.35
CA LEU A 105 -21.35 -13.05 13.22
C LEU A 105 -22.85 -12.99 13.51
N LYS A 106 -23.28 -12.03 14.31
CA LYS A 106 -24.69 -11.90 14.68
C LYS A 106 -25.53 -11.34 13.53
N LYS A 107 -24.88 -10.93 12.44
CA LYS A 107 -25.59 -10.49 11.25
C LYS A 107 -25.58 -11.64 10.26
N ASP A 108 -26.78 -12.08 9.84
CA ASP A 108 -26.89 -13.23 8.97
C ASP A 108 -26.68 -12.91 7.48
N ASP A 109 -25.44 -13.12 7.06
CA ASP A 109 -25.05 -12.99 5.66
C ASP A 109 -24.79 -14.42 6.09
N ASN A 110 -25.19 -15.34 5.21
CA ASN A 110 -25.65 -16.68 5.55
C ASN A 110 -24.17 -16.87 5.82
N PRO A 111 -23.79 -16.87 7.10
CA PRO A 111 -22.40 -17.05 7.48
C PRO A 111 -21.81 -18.32 6.87
N ALA A 112 -20.59 -18.23 6.38
CA ALA A 112 -19.90 -19.39 5.81
C ALA A 112 -19.72 -20.43 6.89
N LYS A 113 -19.12 -20.00 7.99
CA LYS A 113 -18.85 -20.88 9.12
C LYS A 113 -19.26 -20.26 10.46
N TYR A 114 -20.10 -20.97 11.17
CA TYR A 114 -20.52 -20.59 12.51
C TYR A 114 -19.41 -20.91 13.51
N TYR A 115 -19.02 -19.91 14.30
CA TYR A 115 -18.02 -20.07 15.36
C TYR A 115 -18.46 -19.46 16.69
N THR A 116 -17.88 -19.93 17.79
CA THR A 116 -18.22 -19.42 19.11
C THR A 116 -16.97 -18.97 19.86
N ILE A 117 -17.07 -17.80 20.48
CA ILE A 117 -16.00 -17.27 21.29
C ILE A 117 -16.29 -17.39 22.79
N LYS A 118 -15.49 -18.20 23.48
CA LYS A 118 -15.57 -18.30 24.92
C LYS A 118 -14.51 -17.39 25.54
N ARG A 119 -14.92 -16.59 26.52
CA ARG A 119 -13.98 -15.68 27.17
C ARG A 119 -13.65 -16.15 28.58
N GLU A 120 -12.36 -16.17 28.89
CA GLU A 120 -11.90 -16.49 30.23
C GLU A 120 -10.91 -15.42 30.68
N PHE A 121 -11.44 -14.28 31.10
CA PHE A 121 -10.60 -13.18 31.57
C PHE A 121 -10.45 -13.24 33.09
N THR A 122 -9.30 -12.79 33.60
CA THR A 122 -9.13 -12.62 35.04
C THR A 122 -10.09 -11.52 35.52
N LYS A 123 -10.44 -11.55 36.80
CA LYS A 123 -11.40 -10.58 37.32
C LYS A 123 -10.79 -9.29 37.84
N ARG A 124 -9.48 -9.27 38.09
CA ARG A 124 -8.85 -8.00 38.44
C ARG A 124 -8.67 -7.21 37.15
N ASP A 125 -8.70 -5.89 37.25
CA ASP A 125 -8.51 -5.05 36.07
C ASP A 125 -7.04 -4.69 35.87
N LEU A 126 -6.53 -5.01 34.68
CA LEU A 126 -5.13 -4.84 34.37
C LEU A 126 -4.89 -3.55 33.60
N TRP A 127 -4.07 -2.66 34.15
CA TRP A 127 -3.72 -1.43 33.45
C TRP A 127 -2.27 -1.52 33.00
N VAL A 128 -2.06 -1.30 31.70
CA VAL A 128 -0.76 -1.54 31.08
C VAL A 128 -0.43 -0.45 30.06
N GLU A 129 0.86 -0.13 29.93
CA GLU A 129 1.36 0.75 28.87
C GLU A 129 1.44 0.02 27.54
N ILE A 130 0.57 0.35 26.59
CA ILE A 130 0.68 -0.19 25.23
C ILE A 130 0.31 0.86 24.19
N ASP A 131 0.59 0.54 22.93
CA ASP A 131 0.05 1.30 21.81
C ASP A 131 -1.22 0.59 21.36
N THR A 132 -2.37 1.17 21.70
CA THR A 132 -3.66 0.53 21.49
C THR A 132 -3.94 0.22 20.03
N ASP A 133 -3.52 1.12 19.15
CA ASP A 133 -3.83 0.98 17.73
C ASP A 133 -3.05 -0.16 17.10
N LYS A 134 -1.76 -0.26 17.42
CA LYS A 134 -0.93 -1.29 16.83
C LYS A 134 -1.20 -2.65 17.47
N PHE A 135 -1.51 -2.64 18.76
CA PHE A 135 -1.79 -3.88 19.49
C PHE A 135 -3.14 -4.47 19.10
N THR A 136 -4.12 -3.61 18.82
CA THR A 136 -5.43 -4.07 18.35
C THR A 136 -5.30 -4.81 17.01
N GLN A 137 -4.37 -4.35 16.18
CA GLN A 137 -4.14 -4.95 14.88
C GLN A 137 -3.71 -6.40 15.03
N VAL A 138 -2.81 -6.63 16.00
CA VAL A 138 -2.31 -7.97 16.28
C VAL A 138 -3.43 -8.92 16.66
N LEU A 139 -4.25 -8.51 17.62
CA LEU A 139 -5.37 -9.34 18.09
C LEU A 139 -6.33 -9.71 16.97
N ASP A 140 -6.57 -8.76 16.07
CA ASP A 140 -7.42 -9.01 14.91
C ASP A 140 -6.83 -10.08 14.02
N ASN A 141 -5.52 -9.99 13.80
CA ASN A 141 -4.81 -10.93 12.95
C ASN A 141 -4.92 -12.35 13.51
N ILE A 142 -4.73 -12.49 14.81
CA ILE A 142 -4.80 -13.79 15.46
C ILE A 142 -6.24 -14.29 15.54
N MET A 143 -7.18 -13.39 15.86
CA MET A 143 -8.60 -13.73 15.87
C MET A 143 -9.11 -14.13 14.49
N ASN A 144 -8.64 -13.42 13.46
CA ASN A 144 -8.98 -13.79 12.09
C ASN A 144 -8.49 -15.18 11.78
N ASN A 145 -7.24 -15.45 12.14
CA ASN A 145 -6.65 -16.77 11.94
C ASN A 145 -7.43 -17.83 12.70
N ALA A 146 -7.71 -17.56 13.96
CA ALA A 146 -8.43 -18.50 14.82
C ALA A 146 -9.80 -18.85 14.23
N ILE A 147 -10.46 -17.86 13.66
CA ILE A 147 -11.78 -18.07 13.07
C ILE A 147 -11.64 -18.80 11.74
N LYS A 148 -10.69 -18.36 10.93
CA LYS A 148 -10.48 -18.92 9.60
C LYS A 148 -10.07 -20.39 9.63
N TYR A 149 -9.29 -20.78 10.63
CA TYR A 149 -8.81 -22.16 10.76
C TYR A 149 -9.53 -22.97 11.82
N SER A 150 -10.77 -22.62 12.12
CA SER A 150 -11.55 -23.42 13.05
C SER A 150 -12.65 -24.19 12.32
N PRO A 151 -12.99 -25.39 12.84
CA PRO A 151 -14.03 -26.21 12.21
C PRO A 151 -15.38 -25.51 12.22
N ASP A 152 -16.38 -26.10 11.60
CA ASP A 152 -17.69 -25.49 11.59
C ASP A 152 -18.34 -25.79 12.93
N GLY A 153 -18.69 -24.74 13.66
CA GLY A 153 -19.26 -24.90 14.98
C GLY A 153 -18.19 -24.88 16.05
N GLY A 154 -16.94 -24.66 15.64
CA GLY A 154 -15.83 -24.71 16.56
C GLY A 154 -15.84 -23.56 17.56
N VAL A 155 -15.13 -23.74 18.66
CA VAL A 155 -15.01 -22.70 19.68
C VAL A 155 -13.63 -22.03 19.71
N VAL A 156 -13.63 -20.70 19.62
CA VAL A 156 -12.41 -19.94 19.83
C VAL A 156 -12.33 -19.50 21.28
N THR A 157 -11.25 -19.88 21.97
CA THR A 157 -11.12 -19.59 23.38
C THR A 157 -10.16 -18.44 23.60
N CYS A 158 -10.67 -17.36 24.18
CA CYS A 158 -9.88 -16.16 24.39
C CYS A 158 -9.63 -15.94 25.87
N ARG A 159 -8.37 -15.99 26.25
CA ARG A 159 -8.00 -15.88 27.65
C ARG A 159 -7.21 -14.62 27.91
N LEU A 160 -7.39 -14.07 29.11
CA LEU A 160 -6.61 -12.96 29.59
C LEU A 160 -6.29 -13.25 31.04
N LEU A 161 -5.00 -13.34 31.36
CA LEU A 161 -4.56 -13.71 32.68
C LEU A 161 -3.25 -13.04 32.99
N GLU A 162 -2.97 -12.85 34.27
CA GLU A 162 -1.72 -12.24 34.68
C GLU A 162 -0.95 -13.14 35.64
N THR A 163 0.37 -13.01 35.59
CA THR A 163 1.27 -13.65 36.53
C THR A 163 2.15 -12.54 37.08
N HIS A 164 2.84 -12.81 38.19
CA HIS A 164 3.77 -11.83 38.78
C HIS A 164 4.57 -10.95 37.81
N ASN A 165 5.00 -11.49 36.68
CA ASN A 165 5.84 -10.70 35.82
C ASN A 165 5.31 -10.57 34.39
N GLN A 166 4.21 -11.26 34.10
CA GLN A 166 3.65 -11.26 32.75
C GLN A 166 2.15 -11.05 32.68
N VAL A 167 1.72 -10.30 31.67
CA VAL A 167 0.32 -10.32 31.25
C VAL A 167 0.23 -11.31 30.10
N ILE A 168 -0.74 -12.22 30.15
CA ILE A 168 -0.82 -13.24 29.13
C ILE A 168 -2.16 -13.22 28.42
N ILE A 169 -2.11 -13.15 27.10
CA ILE A 169 -3.30 -13.32 26.28
C ILE A 169 -3.11 -14.60 25.49
N SER A 170 -4.12 -15.45 25.48
CA SER A 170 -4.06 -16.66 24.67
C SER A 170 -5.35 -16.83 23.89
N ILE A 171 -5.22 -17.31 22.67
CA ILE A 171 -6.34 -17.51 21.78
C ILE A 171 -6.23 -18.90 21.15
N SER A 172 -7.23 -19.73 21.38
CA SER A 172 -7.19 -21.12 20.94
C SER A 172 -8.24 -21.45 19.89
N ASP A 173 -7.86 -22.31 18.95
CA ASP A 173 -8.77 -22.77 17.91
C ASP A 173 -8.79 -24.29 17.94
N GLN A 174 -9.83 -24.88 17.37
CA GLN A 174 -9.92 -26.34 17.31
C GLN A 174 -9.66 -26.88 15.92
N GLY A 175 -8.68 -26.31 15.22
CA GLY A 175 -8.41 -26.71 13.85
C GLY A 175 -7.49 -27.92 13.78
N LEU A 176 -6.93 -28.16 12.60
CA LEU A 176 -5.98 -29.24 12.43
C LEU A 176 -4.61 -28.95 13.04
N GLY A 177 -4.36 -27.68 13.34
CA GLY A 177 -3.11 -27.32 13.99
C GLY A 177 -1.94 -26.98 13.08
N ILE A 178 -0.76 -26.94 13.69
CA ILE A 178 0.48 -26.60 12.99
C ILE A 178 1.58 -27.60 13.31
N PRO A 179 2.26 -28.11 12.27
CA PRO A 179 3.36 -29.05 12.47
C PRO A 179 4.43 -28.47 13.39
N ARG A 180 5.01 -29.29 14.25
CA ARG A 180 5.98 -28.84 15.24
C ARG A 180 7.16 -28.13 14.59
N ALA A 181 7.49 -28.56 13.38
CA ALA A 181 8.58 -27.96 12.61
C ALA A 181 8.29 -26.52 12.18
N ASP A 182 7.01 -26.14 12.12
CA ASP A 182 6.63 -24.83 11.59
C ASP A 182 6.12 -23.83 12.63
N LEU A 183 6.25 -24.14 13.92
CA LEU A 183 5.76 -23.24 14.95
C LEU A 183 6.49 -21.89 14.96
N GLY A 184 7.75 -21.89 14.59
CA GLY A 184 8.52 -20.66 14.46
C GLY A 184 8.29 -20.01 13.11
N HIS A 185 8.16 -20.85 12.08
CA HIS A 185 8.10 -20.39 10.70
C HIS A 185 6.81 -19.64 10.35
N VAL A 186 5.76 -19.82 11.13
CA VAL A 186 4.48 -19.18 10.82
C VAL A 186 4.55 -17.67 10.97
N PHE A 187 5.58 -17.19 11.65
CA PHE A 187 5.78 -15.75 11.86
C PHE A 187 6.70 -15.13 10.81
N ASP A 188 7.23 -15.96 9.93
CA ASP A 188 8.10 -15.49 8.86
C ASP A 188 7.29 -14.79 7.77
N ARG A 189 7.93 -13.84 7.09
CA ARG A 189 7.28 -13.08 6.04
C ARG A 189 7.00 -13.96 4.82
N PHE A 190 5.75 -13.91 4.36
CA PHE A 190 5.25 -14.65 3.19
C PHE A 190 4.99 -16.13 3.44
N PHE A 191 5.21 -16.61 4.67
CA PHE A 191 4.84 -17.99 4.97
C PHE A 191 3.33 -18.10 5.02
N ARG A 192 2.77 -18.89 4.13
CA ARG A 192 1.34 -19.18 4.14
C ARG A 192 1.11 -20.62 3.74
N VAL A 193 -0.03 -21.17 4.18
CA VAL A 193 -0.36 -22.55 3.88
C VAL A 193 -0.29 -22.63 2.36
N ASP A 194 0.10 -23.83 1.89
CA ASP A 194 0.24 -24.16 0.48
C ASP A 194 -1.15 -23.90 -0.10
N LYS A 195 -1.20 -22.88 -0.94
CA LYS A 195 -2.39 -22.44 -1.64
C LYS A 195 -1.68 -21.89 -2.86
N ALA A 196 -2.08 -22.40 -4.03
CA ALA A 196 -1.50 -22.02 -5.30
C ALA A 196 -2.70 -21.91 -6.22
N GLN A 201 -6.51 -12.84 -5.18
CA GLN A 201 -7.53 -13.55 -4.42
C GLN A 201 -7.61 -13.06 -2.97
N GLY A 202 -6.47 -13.11 -2.28
CA GLY A 202 -6.38 -12.64 -0.91
C GLY A 202 -5.52 -13.53 -0.01
N GLY A 203 -4.96 -12.95 1.06
CA GLY A 203 -4.09 -13.66 1.98
C GLY A 203 -2.62 -13.58 1.61
N THR A 204 -1.89 -12.69 2.26
CA THR A 204 -0.50 -12.40 1.89
C THR A 204 0.52 -13.29 2.58
N GLY A 205 0.28 -13.62 3.84
CA GLY A 205 1.23 -14.34 4.66
C GLY A 205 2.22 -13.39 5.30
N LEU A 206 1.79 -12.16 5.52
CA LEU A 206 2.61 -11.13 6.15
C LEU A 206 2.05 -10.74 7.51
N GLY A 207 0.81 -11.15 7.77
CA GLY A 207 0.10 -10.78 8.98
C GLY A 207 0.83 -11.10 10.28
N LEU A 208 1.24 -12.36 10.43
CA LEU A 208 1.90 -12.80 11.66
C LEU A 208 3.31 -12.22 11.73
N ALA A 209 3.89 -11.92 10.58
CA ALA A 209 5.20 -11.30 10.53
C ALA A 209 5.12 -9.89 11.08
N ILE A 210 4.10 -9.16 10.64
CA ILE A 210 3.84 -7.83 11.15
C ILE A 210 3.54 -7.89 12.65
N SER A 211 2.65 -8.81 13.04
CA SER A 211 2.29 -8.99 14.44
C SER A 211 3.48 -9.33 15.33
N LYS A 212 4.41 -10.14 14.84
CA LYS A 212 5.55 -10.51 15.67
C LYS A 212 6.41 -9.28 15.92
N GLU A 213 6.58 -8.45 14.89
CA GLU A 213 7.46 -7.30 15.02
C GLU A 213 6.80 -6.16 15.78
N VAL A 214 5.47 -6.10 15.75
CA VAL A 214 4.75 -5.12 16.56
C VAL A 214 4.80 -5.50 18.03
N VAL A 215 4.55 -6.77 18.32
CA VAL A 215 4.58 -7.26 19.70
C VAL A 215 5.99 -7.14 20.27
N GLN A 216 6.99 -7.44 19.44
CA GLN A 216 8.37 -7.28 19.88
C GLN A 216 8.71 -5.79 20.04
N MET A 217 8.04 -4.95 19.26
CA MET A 217 8.26 -3.50 19.35
C MET A 217 7.73 -2.93 20.66
N LEU A 218 6.68 -3.56 21.17
CA LEU A 218 6.03 -3.09 22.40
C LEU A 218 6.70 -3.70 23.63
N GLY A 219 7.77 -4.44 23.42
CA GLY A 219 8.53 -5.03 24.50
C GLY A 219 7.98 -6.37 24.94
N GLY A 220 7.17 -6.98 24.07
CA GLY A 220 6.50 -8.21 24.42
C GLY A 220 7.03 -9.43 23.69
N ARG A 221 6.28 -10.51 23.77
CA ARG A 221 6.68 -11.78 23.17
C ARG A 221 5.47 -12.50 22.63
N ILE A 222 5.66 -13.19 21.51
CA ILE A 222 4.58 -13.94 20.89
C ILE A 222 5.10 -15.28 20.39
N TRP A 223 4.30 -16.32 20.58
CA TRP A 223 4.66 -17.67 20.16
C TRP A 223 3.40 -18.51 20.05
N VAL A 224 3.53 -19.71 19.49
CA VAL A 224 2.36 -20.53 19.22
C VAL A 224 2.63 -21.97 19.63
N ASP A 225 1.61 -22.61 20.17
CA ASP A 225 1.68 -24.03 20.49
C ASP A 225 0.56 -24.73 19.77
N SER A 226 0.82 -25.95 19.32
CA SER A 226 -0.19 -26.67 18.55
C SER A 226 0.03 -28.18 18.60
N VAL A 227 -1.07 -28.91 18.64
CA VAL A 227 -1.04 -30.35 18.47
C VAL A 227 -1.86 -30.71 17.24
N GLU A 228 -1.23 -31.38 16.28
CA GLU A 228 -1.88 -31.65 14.99
C GLU A 228 -3.17 -32.41 15.21
N GLY A 229 -4.25 -31.91 14.63
CA GLY A 229 -5.54 -32.57 14.79
C GLY A 229 -6.40 -31.96 15.88
N LYS A 230 -5.76 -31.31 16.85
CA LYS A 230 -6.49 -30.84 18.02
C LYS A 230 -6.74 -29.34 17.98
N GLY A 231 -5.71 -28.58 17.62
CA GLY A 231 -5.87 -27.15 17.47
C GLY A 231 -4.60 -26.38 17.76
N SER A 232 -4.72 -25.06 17.83
CA SER A 232 -3.57 -24.20 18.07
C SER A 232 -3.89 -23.19 19.16
N THR A 233 -2.87 -22.79 19.89
CA THR A 233 -3.01 -21.71 20.87
C THR A 233 -1.89 -20.71 20.65
N PHE A 234 -2.27 -19.48 20.40
CA PHE A 234 -1.30 -18.40 20.24
C PHE A 234 -1.16 -17.66 21.56
N TYR A 235 0.07 -17.25 21.88
CA TYR A 235 0.33 -16.52 23.11
C TYR A 235 0.94 -15.17 22.87
N ILE A 236 0.47 -14.19 23.63
CA ILE A 236 1.12 -12.90 23.71
C ILE A 236 1.47 -12.63 25.18
N SER A 237 2.74 -12.29 25.42
CA SER A 237 3.20 -11.94 26.74
C SER A 237 3.66 -10.49 26.78
N LEU A 238 3.18 -9.74 27.76
CA LEU A 238 3.66 -8.37 27.97
C LEU A 238 4.21 -8.24 29.38
N PRO A 239 5.32 -7.51 29.53
CA PRO A 239 5.85 -7.27 30.87
C PRO A 239 4.85 -6.54 31.75
N TYR A 240 4.62 -7.05 32.96
CA TYR A 240 3.63 -6.47 33.84
C TYR A 240 4.31 -5.54 34.84
N GLU A 241 3.67 -4.41 35.12
CA GLU A 241 4.12 -3.39 36.08
C GLU A 241 5.64 -3.21 36.13
N LYS B 14 16.94 -4.06 0.33
CA LYS B 14 15.73 -3.70 1.07
C LYS B 14 15.31 -2.28 0.77
N GLN B 15 16.27 -1.44 0.35
CA GLN B 15 15.97 -0.08 -0.11
C GLN B 15 15.04 -0.24 -1.31
N PHE B 16 15.25 -1.35 -2.01
CA PHE B 16 14.34 -1.82 -3.04
C PHE B 16 12.90 -1.93 -2.56
N VAL B 17 12.72 -2.56 -1.40
CA VAL B 17 11.38 -2.81 -0.86
C VAL B 17 10.62 -1.51 -0.57
N SER B 18 11.29 -0.59 0.12
CA SER B 18 10.69 0.70 0.42
C SER B 18 10.31 1.50 -0.84
N ASN B 19 11.24 1.57 -1.79
CA ASN B 19 11.01 2.30 -3.02
C ASN B 19 9.89 1.72 -3.90
N VAL B 20 9.87 0.40 -4.06
CA VAL B 20 8.87 -0.23 -4.89
C VAL B 20 7.49 -0.15 -4.23
N SER B 21 7.44 -0.23 -2.91
CA SER B 21 6.18 -0.10 -2.18
C SER B 21 5.57 1.26 -2.46
N HIS B 22 6.39 2.30 -2.34
CA HIS B 22 5.96 3.66 -2.60
C HIS B 22 5.52 3.87 -4.05
N GLU B 23 6.38 3.51 -5.00
CA GLU B 23 6.18 3.84 -6.41
C GLU B 23 5.06 3.08 -7.10
N LEU B 24 4.65 1.95 -6.53
CA LEU B 24 3.57 1.15 -7.10
C LEU B 24 2.19 1.73 -6.79
N ARG B 25 2.14 2.72 -5.90
CA ARG B 25 0.86 3.22 -5.39
C ARG B 25 0.04 3.99 -6.42
N THR B 26 0.69 4.80 -7.26
CA THR B 26 -0.06 5.55 -8.25
C THR B 26 -0.61 4.62 -9.34
N PRO B 27 0.23 3.72 -9.90
CA PRO B 27 -0.34 2.83 -10.93
C PRO B 27 -1.45 1.92 -10.40
N LEU B 28 -1.30 1.39 -9.20
CA LEU B 28 -2.33 0.54 -8.61
C LEU B 28 -3.64 1.31 -8.41
N THR B 29 -3.53 2.57 -8.01
CA THR B 29 -4.71 3.42 -7.85
C THR B 29 -5.31 3.75 -9.21
N SER B 30 -4.43 4.04 -10.17
CA SER B 30 -4.85 4.25 -11.55
C SER B 30 -5.53 3.01 -12.11
N LEU B 31 -4.86 1.86 -11.96
CA LEU B 31 -5.41 0.59 -12.40
C LEU B 31 -6.78 0.31 -11.81
N ARG B 32 -6.92 0.48 -10.49
CA ARG B 32 -8.18 0.18 -9.83
C ARG B 32 -9.30 1.10 -10.31
N SER B 33 -8.98 2.37 -10.51
CA SER B 33 -9.97 3.36 -10.95
C SER B 33 -10.58 2.99 -12.30
N TYR B 34 -9.74 2.60 -13.25
CA TYR B 34 -10.26 2.20 -14.56
C TYR B 34 -11.05 0.90 -14.47
N ILE B 35 -10.62 -0.02 -13.61
CA ILE B 35 -11.32 -1.29 -13.45
C ILE B 35 -12.71 -1.05 -12.87
N GLU B 36 -12.78 -0.09 -11.95
CA GLU B 36 -14.06 0.24 -11.34
C GLU B 36 -14.97 0.96 -12.33
N ALA B 37 -14.39 1.82 -13.17
CA ALA B 37 -15.16 2.49 -14.20
C ALA B 37 -15.75 1.48 -15.17
N LEU B 38 -14.92 0.54 -15.62
CA LEU B 38 -15.36 -0.54 -16.50
C LEU B 38 -16.43 -1.38 -15.81
N SER B 39 -16.17 -1.74 -14.56
CA SER B 39 -17.09 -2.54 -13.77
C SER B 39 -18.41 -1.83 -13.50
N ASP B 40 -18.35 -0.51 -13.36
CA ASP B 40 -19.54 0.28 -13.04
C ASP B 40 -20.53 0.34 -14.20
N GLY B 41 -20.09 -0.06 -15.39
CA GLY B 41 -20.96 -0.10 -16.54
C GLY B 41 -20.30 0.26 -17.85
N ALA B 42 -19.11 0.86 -17.77
CA ALA B 42 -18.40 1.30 -18.97
C ALA B 42 -17.99 0.12 -19.86
N TRP B 43 -17.99 -1.10 -19.31
CA TRP B 43 -17.69 -2.29 -20.10
C TRP B 43 -18.78 -2.52 -21.15
N LYS B 44 -19.99 -2.04 -20.86
CA LYS B 44 -21.10 -2.14 -21.79
C LYS B 44 -21.02 -1.08 -22.90
N ASP B 45 -20.11 -0.13 -22.73
CA ASP B 45 -20.04 1.02 -23.63
C ASP B 45 -18.89 0.87 -24.61
N PRO B 46 -19.22 0.65 -25.89
CA PRO B 46 -18.25 0.36 -26.96
C PRO B 46 -17.28 1.50 -27.28
N GLU B 47 -17.66 2.74 -26.99
CA GLU B 47 -16.84 3.88 -27.35
C GLU B 47 -15.82 4.26 -26.27
N VAL B 48 -15.83 3.56 -25.13
CA VAL B 48 -14.90 3.87 -24.06
C VAL B 48 -14.15 2.65 -23.51
N ALA B 49 -14.82 1.49 -23.55
CA ALA B 49 -14.26 0.27 -22.95
C ALA B 49 -12.90 -0.15 -23.53
N PRO B 50 -12.74 -0.18 -24.87
CA PRO B 50 -11.43 -0.57 -25.39
C PRO B 50 -10.31 0.36 -24.92
N GLY B 51 -10.60 1.66 -24.89
CA GLY B 51 -9.65 2.66 -24.45
C GLY B 51 -9.26 2.47 -22.99
N PHE B 52 -10.23 2.21 -22.13
CA PHE B 52 -9.99 1.99 -20.72
C PHE B 52 -9.11 0.76 -20.51
N LEU B 53 -9.45 -0.31 -21.24
CA LEU B 53 -8.71 -1.57 -21.15
C LEU B 53 -7.26 -1.38 -21.56
N LYS B 54 -7.05 -0.52 -22.56
CA LYS B 54 -5.71 -0.23 -23.05
C LYS B 54 -4.86 0.39 -21.95
N VAL B 55 -5.47 1.30 -21.18
CA VAL B 55 -4.78 1.95 -20.06
C VAL B 55 -4.38 0.94 -18.98
N THR B 56 -5.30 0.06 -18.63
CA THR B 56 -5.04 -0.94 -17.61
C THR B 56 -3.90 -1.87 -18.04
N GLN B 57 -3.91 -2.23 -19.33
CA GLN B 57 -2.87 -3.08 -19.88
C GLN B 57 -1.51 -2.38 -19.83
N GLU B 58 -1.51 -1.08 -20.14
CA GLU B 58 -0.28 -0.30 -20.12
C GLU B 58 0.25 -0.09 -18.71
N GLU B 59 -0.66 0.14 -17.76
CA GLU B 59 -0.26 0.33 -16.37
C GLU B 59 0.22 -0.96 -15.72
N THR B 60 -0.41 -2.09 -16.06
CA THR B 60 0.01 -3.38 -15.53
C THR B 60 1.41 -3.73 -16.05
N ASP B 61 1.63 -3.54 -17.34
CA ASP B 61 2.93 -3.80 -17.94
C ASP B 61 3.99 -2.90 -17.33
N ARG B 62 3.62 -1.65 -17.04
CA ARG B 62 4.54 -0.68 -16.47
C ARG B 62 4.99 -1.06 -15.06
N MET B 63 4.06 -1.60 -14.27
CA MET B 63 4.37 -2.03 -12.91
C MET B 63 5.32 -3.22 -12.91
N ILE B 64 5.17 -4.08 -13.91
CA ILE B 64 6.05 -5.22 -14.07
C ILE B 64 7.46 -4.75 -14.48
N ARG B 65 7.52 -3.77 -15.36
CA ARG B 65 8.79 -3.17 -15.74
C ARG B 65 9.46 -2.52 -14.53
N MET B 66 8.63 -1.98 -13.64
CA MET B 66 9.11 -1.28 -12.46
C MET B 66 9.72 -2.22 -11.43
N ILE B 67 9.03 -3.32 -11.15
CA ILE B 67 9.47 -4.31 -10.18
C ILE B 67 10.83 -4.91 -10.55
N ASN B 68 10.99 -5.28 -11.80
CA ASN B 68 12.25 -5.87 -12.27
C ASN B 68 13.44 -4.92 -12.23
N GLU B 69 13.23 -3.66 -12.62
CA GLU B 69 14.33 -2.69 -12.71
C GLU B 69 14.77 -2.18 -11.33
N LEU B 70 13.83 -1.98 -10.42
CA LEU B 70 14.18 -1.57 -9.06
C LEU B 70 14.94 -2.68 -8.34
N LEU B 71 14.79 -3.92 -8.77
CA LEU B 71 15.50 -5.04 -8.17
C LEU B 71 16.91 -5.15 -8.73
N SER B 72 17.06 -4.82 -10.01
CA SER B 72 18.35 -4.82 -10.69
C SER B 72 19.27 -3.72 -10.16
N LEU B 73 18.70 -2.56 -9.85
CA LEU B 73 19.46 -1.41 -9.36
C LEU B 73 20.14 -1.71 -8.02
N SER B 74 19.58 -2.68 -7.30
CA SER B 74 20.10 -3.06 -5.99
C SER B 74 21.41 -3.85 -6.09
N ARG B 75 21.65 -4.48 -7.23
CA ARG B 75 22.87 -5.25 -7.44
C ARG B 75 24.09 -4.34 -7.60
N THR B 81 23.16 4.10 -13.17
CA THR B 81 23.15 4.92 -14.37
C THR B 81 22.38 4.14 -15.44
N ARG B 82 21.26 3.52 -15.06
CA ARG B 82 20.46 2.80 -16.04
C ARG B 82 19.19 3.57 -16.41
N VAL B 83 19.27 4.31 -17.51
CA VAL B 83 18.17 5.14 -18.01
C VAL B 83 17.89 4.81 -19.49
N ASP B 84 16.62 4.80 -19.89
CA ASP B 84 16.28 4.48 -21.28
C ASP B 84 15.71 5.73 -21.94
N MET B 85 16.59 6.47 -22.61
CA MET B 85 16.25 7.74 -23.25
C MET B 85 15.59 7.61 -24.62
N GLU B 86 14.41 8.21 -24.76
CA GLU B 86 13.73 8.28 -26.05
C GLU B 86 13.12 9.67 -26.28
N LEU B 87 13.09 10.10 -27.53
CA LEU B 87 12.50 11.39 -27.89
C LEU B 87 10.99 11.31 -27.82
N VAL B 88 10.38 12.13 -26.96
CA VAL B 88 8.96 12.03 -26.69
C VAL B 88 8.23 13.36 -26.88
N ASN B 89 6.96 13.28 -27.28
CA ASN B 89 6.09 14.45 -27.31
C ASN B 89 5.52 14.64 -25.90
N ILE B 90 6.05 15.62 -25.18
CA ILE B 90 5.66 15.85 -23.79
C ILE B 90 4.19 16.21 -23.64
N ASN B 91 3.67 16.99 -24.59
CA ASN B 91 2.24 17.32 -24.63
C ASN B 91 1.37 16.08 -24.49
N GLU B 92 1.66 15.07 -25.31
CA GLU B 92 0.86 13.85 -25.31
C GLU B 92 1.04 13.05 -24.02
N MET B 93 2.28 12.93 -23.54
CA MET B 93 2.53 12.17 -22.33
C MET B 93 1.89 12.81 -21.11
N PHE B 94 2.13 14.11 -20.94
CA PHE B 94 1.59 14.85 -19.81
C PHE B 94 0.07 14.78 -19.88
N ASN B 95 -0.48 14.86 -21.09
CA ASN B 95 -1.91 14.69 -21.30
C ASN B 95 -2.38 13.31 -20.86
N TYR B 96 -1.57 12.29 -21.14
CA TYR B 96 -1.89 10.92 -20.78
C TYR B 96 -1.82 10.72 -19.26
N VAL B 97 -0.77 11.27 -18.65
CA VAL B 97 -0.62 11.23 -17.20
C VAL B 97 -1.81 11.88 -16.51
N LEU B 98 -2.20 13.06 -16.98
CA LEU B 98 -3.33 13.78 -16.42
C LEU B 98 -4.64 13.04 -16.64
N ASP B 99 -4.74 12.34 -17.76
CA ASP B 99 -5.92 11.54 -18.05
C ASP B 99 -6.14 10.46 -16.98
N ARG B 100 -5.05 9.83 -16.54
CA ARG B 100 -5.17 8.80 -15.51
C ARG B 100 -5.61 9.40 -14.17
N PHE B 101 -5.11 10.59 -13.86
CA PHE B 101 -5.51 11.27 -12.63
C PHE B 101 -6.96 11.76 -12.68
N ASP B 102 -7.42 12.18 -13.86
CA ASP B 102 -8.83 12.55 -14.01
C ASP B 102 -9.73 11.37 -13.67
N MET B 103 -9.36 10.18 -14.14
CA MET B 103 -10.15 8.98 -13.88
C MET B 103 -10.11 8.61 -12.40
N ILE B 104 -8.94 8.77 -11.78
CA ILE B 104 -8.80 8.58 -10.35
C ILE B 104 -9.78 9.46 -9.59
N LEU B 105 -9.84 10.73 -10.00
CA LEU B 105 -10.70 11.70 -9.35
C LEU B 105 -12.19 11.46 -9.61
N LYS B 106 -12.53 10.84 -10.75
CA LYS B 106 -13.94 10.56 -11.01
C LYS B 106 -14.47 9.34 -10.27
N LYS B 107 -13.57 8.41 -9.93
CA LYS B 107 -13.96 7.23 -9.15
C LYS B 107 -13.47 7.30 -7.71
N ASP B 108 -13.20 8.51 -7.23
CA ASP B 108 -12.72 8.67 -5.86
C ASP B 108 -13.90 8.66 -4.89
N ASP B 109 -13.63 8.89 -3.62
CA ASP B 109 -14.69 8.95 -2.62
C ASP B 109 -15.32 10.35 -2.53
N ASN B 110 -14.71 11.33 -3.18
CA ASN B 110 -15.14 12.72 -3.08
C ASN B 110 -16.26 13.09 -4.04
N PRO B 111 -17.08 14.09 -3.67
CA PRO B 111 -18.11 14.67 -4.54
C PRO B 111 -17.53 15.12 -5.86
N ALA B 112 -18.27 14.99 -6.96
CA ALA B 112 -17.75 15.44 -8.25
C ALA B 112 -17.39 16.92 -8.21
N LYS B 113 -16.35 17.29 -8.96
CA LYS B 113 -15.87 18.67 -9.08
C LYS B 113 -15.19 19.11 -7.77
N TYR B 114 -15.01 18.17 -6.84
CA TYR B 114 -14.33 18.50 -5.59
C TYR B 114 -12.85 18.67 -5.89
N TYR B 115 -12.40 17.99 -6.92
CA TYR B 115 -11.06 18.24 -7.44
C TYR B 115 -11.16 18.47 -8.93
N THR B 116 -10.32 19.36 -9.45
CA THR B 116 -10.32 19.67 -10.86
C THR B 116 -8.89 19.79 -11.39
N ILE B 117 -8.63 19.18 -12.53
CA ILE B 117 -7.34 19.40 -13.18
C ILE B 117 -7.55 20.34 -14.35
N LYS B 118 -7.00 21.54 -14.25
CA LYS B 118 -7.05 22.49 -15.35
C LYS B 118 -5.76 22.38 -16.13
N ARG B 119 -5.89 22.26 -17.45
CA ARG B 119 -4.73 22.12 -18.31
C ARG B 119 -4.50 23.37 -19.13
N GLU B 120 -3.28 23.87 -19.11
CA GLU B 120 -2.91 25.01 -19.94
C GLU B 120 -1.61 24.70 -20.66
N PHE B 121 -1.72 23.93 -21.74
CA PHE B 121 -0.56 23.55 -22.54
C PHE B 121 -0.38 24.52 -23.70
N THR B 122 0.87 24.74 -24.09
CA THR B 122 1.19 25.50 -25.30
C THR B 122 0.62 24.77 -26.51
N LYS B 123 0.46 25.50 -27.62
CA LYS B 123 -0.14 24.91 -28.82
C LYS B 123 0.93 24.23 -29.65
N ARG B 124 2.19 24.51 -29.32
CA ARG B 124 3.32 23.84 -29.96
C ARG B 124 3.50 22.42 -29.42
N ASP B 125 4.04 21.55 -30.26
CA ASP B 125 4.39 20.21 -29.78
C ASP B 125 5.83 20.23 -29.32
N LEU B 126 6.04 19.88 -28.05
CA LEU B 126 7.37 19.95 -27.45
C LEU B 126 7.99 18.55 -27.38
N TRP B 127 9.17 18.41 -27.99
CA TRP B 127 9.87 17.14 -28.00
C TRP B 127 11.13 17.17 -27.12
N VAL B 128 11.24 16.17 -26.25
CA VAL B 128 12.29 16.14 -25.23
C VAL B 128 12.85 14.73 -25.05
N GLU B 129 14.15 14.63 -24.78
CA GLU B 129 14.78 13.37 -24.38
C GLU B 129 14.50 13.02 -22.92
N ILE B 130 13.68 12.00 -22.69
CA ILE B 130 13.44 11.50 -21.33
C ILE B 130 13.31 9.99 -21.24
N ASP B 131 13.31 9.47 -20.02
CA ASP B 131 12.94 8.09 -19.73
C ASP B 131 11.46 8.07 -19.38
N THR B 132 10.65 7.52 -20.26
CA THR B 132 9.19 7.61 -20.15
C THR B 132 8.64 7.05 -18.85
N ASP B 133 9.18 5.92 -18.39
CA ASP B 133 8.69 5.29 -17.17
C ASP B 133 9.14 6.06 -15.93
N LYS B 134 10.40 6.50 -15.94
CA LYS B 134 10.98 7.17 -14.78
C LYS B 134 10.43 8.59 -14.64
N PHE B 135 10.19 9.25 -15.76
CA PHE B 135 9.64 10.60 -15.71
C PHE B 135 8.17 10.60 -15.32
N THR B 136 7.44 9.56 -15.74
CA THR B 136 6.04 9.43 -15.35
C THR B 136 5.93 9.34 -13.83
N GLN B 137 6.88 8.67 -13.20
CA GLN B 137 6.90 8.50 -11.76
C GLN B 137 6.97 9.86 -11.09
N VAL B 138 7.80 10.74 -11.65
CA VAL B 138 7.93 12.10 -11.16
C VAL B 138 6.60 12.84 -11.21
N LEU B 139 5.96 12.83 -12.38
CA LEU B 139 4.68 13.49 -12.58
C LEU B 139 3.60 12.93 -11.65
N ASP B 140 3.64 11.62 -11.44
CA ASP B 140 2.71 10.96 -10.53
C ASP B 140 2.88 11.44 -9.09
N ASN B 141 4.13 11.55 -8.65
CA ASN B 141 4.43 11.99 -7.29
C ASN B 141 3.92 13.39 -6.97
N ILE B 142 4.16 14.33 -7.88
CA ILE B 142 3.76 15.71 -7.69
C ILE B 142 2.25 15.88 -7.80
N MET B 143 1.63 15.23 -8.79
CA MET B 143 0.18 15.26 -8.93
C MET B 143 -0.50 14.65 -7.72
N ASN B 144 0.08 13.57 -7.20
CA ASN B 144 -0.41 12.95 -5.99
C ASN B 144 -0.34 13.91 -4.81
N ASN B 145 0.79 14.60 -4.71
CA ASN B 145 1.01 15.59 -3.65
C ASN B 145 -0.01 16.73 -3.71
N ALA B 146 -0.21 17.26 -4.92
CA ALA B 146 -1.10 18.40 -5.12
C ALA B 146 -2.52 18.09 -4.65
N ILE B 147 -2.96 16.86 -4.88
CA ILE B 147 -4.29 16.44 -4.44
C ILE B 147 -4.32 16.11 -2.95
N LYS B 148 -3.33 15.34 -2.51
CA LYS B 148 -3.28 14.84 -1.14
C LYS B 148 -3.15 15.94 -0.09
N TYR B 149 -2.42 17.00 -0.42
CA TYR B 149 -2.23 18.09 0.53
C TYR B 149 -3.17 19.24 0.23
N SER B 150 -4.24 18.91 -0.49
CA SER B 150 -5.36 19.81 -0.69
C SER B 150 -6.60 19.18 -0.05
N PRO B 151 -6.60 19.04 1.29
CA PRO B 151 -7.71 18.36 1.97
C PRO B 151 -9.06 19.00 1.74
N ASP B 152 -9.10 20.33 1.68
CA ASP B 152 -10.36 21.06 1.50
C ASP B 152 -10.78 21.13 0.04
N GLY B 153 -10.11 20.36 -0.81
CA GLY B 153 -10.40 20.37 -2.24
C GLY B 153 -9.53 21.39 -2.94
N GLY B 154 -9.87 21.72 -4.19
CA GLY B 154 -9.06 22.63 -4.96
C GLY B 154 -8.92 22.31 -6.44
N VAL B 155 -8.44 23.29 -7.19
CA VAL B 155 -8.15 23.11 -8.61
C VAL B 155 -6.66 22.97 -8.82
N VAL B 156 -6.25 21.89 -9.50
CA VAL B 156 -4.85 21.71 -9.85
C VAL B 156 -4.58 22.24 -11.25
N THR B 157 -3.65 23.19 -11.36
CA THR B 157 -3.35 23.82 -12.63
C THR B 157 -2.02 23.33 -13.21
N CYS B 158 -2.09 22.70 -14.37
CA CYS B 158 -0.91 22.13 -15.02
C CYS B 158 -0.55 22.86 -16.31
N ARG B 159 0.63 23.46 -16.33
CA ARG B 159 1.08 24.23 -17.48
C ARG B 159 2.26 23.56 -18.17
N LEU B 160 2.34 23.73 -19.48
CA LEU B 160 3.44 23.21 -20.29
C LEU B 160 3.85 24.24 -21.33
N LEU B 161 5.12 24.64 -21.29
CA LEU B 161 5.63 25.68 -22.17
C LEU B 161 7.13 25.54 -22.42
N GLU B 162 7.63 26.14 -23.49
CA GLU B 162 9.06 26.18 -23.68
C GLU B 162 9.54 27.63 -23.77
N THR B 163 10.58 27.94 -23.02
CA THR B 163 11.29 29.20 -23.17
C THR B 163 12.78 28.92 -23.03
N HIS B 164 13.60 29.83 -23.53
CA HIS B 164 15.05 29.79 -23.35
C HIS B 164 15.67 28.40 -23.54
N ASN B 165 15.22 27.68 -24.56
CA ASN B 165 15.65 26.30 -24.82
C ASN B 165 15.38 25.31 -23.68
N GLN B 166 14.41 25.63 -22.84
CA GLN B 166 14.03 24.73 -21.75
C GLN B 166 12.54 24.44 -21.87
N VAL B 167 12.16 23.19 -21.65
CA VAL B 167 10.75 22.85 -21.51
C VAL B 167 10.40 22.85 -20.05
N ILE B 168 9.33 23.55 -19.71
CA ILE B 168 8.97 23.74 -18.32
C ILE B 168 7.56 23.27 -18.03
N ILE B 169 7.44 22.45 -16.99
CA ILE B 169 6.15 22.01 -16.48
C ILE B 169 5.92 22.61 -15.10
N SER B 170 4.72 23.11 -14.87
CA SER B 170 4.37 23.63 -13.57
C SER B 170 3.03 23.06 -13.13
N ILE B 171 2.92 22.76 -11.84
CA ILE B 171 1.70 22.22 -11.28
C ILE B 171 1.36 22.99 -10.01
N SER B 172 0.19 23.64 -10.02
CA SER B 172 -0.21 24.51 -8.92
C SER B 172 -1.45 23.99 -8.22
N ASP B 173 -1.47 24.14 -6.90
CA ASP B 173 -2.62 23.71 -6.09
C ASP B 173 -3.18 24.82 -5.22
N GLN B 174 -4.42 24.65 -4.79
CA GLN B 174 -5.04 25.57 -3.84
C GLN B 174 -5.07 24.88 -2.47
N GLY B 175 -4.04 24.09 -2.22
CA GLY B 175 -3.94 23.29 -1.01
C GLY B 175 -3.26 24.00 0.14
N LEU B 176 -2.75 23.19 1.06
CA LEU B 176 -1.95 23.70 2.16
C LEU B 176 -0.66 24.16 1.51
N GLY B 177 0.12 24.97 2.21
CA GLY B 177 1.36 25.44 1.64
C GLY B 177 2.56 24.67 2.12
N ILE B 178 3.73 25.24 1.90
CA ILE B 178 4.99 24.69 2.38
C ILE B 178 5.72 25.83 3.05
N PRO B 179 6.19 25.61 4.29
CA PRO B 179 6.90 26.68 5.01
C PRO B 179 8.09 27.18 4.20
N ARG B 180 8.30 28.50 4.20
CA ARG B 180 9.35 29.11 3.41
C ARG B 180 10.71 28.54 3.81
N ALA B 181 10.84 28.21 5.08
CA ALA B 181 12.06 27.62 5.61
C ALA B 181 12.31 26.22 5.08
N ASP B 182 11.25 25.54 4.63
CA ASP B 182 11.35 24.15 4.23
C ASP B 182 11.22 23.93 2.72
N LEU B 183 11.27 25.01 1.94
CA LEU B 183 11.14 24.90 0.49
C LEU B 183 12.30 24.11 -0.12
N GLY B 184 13.46 24.17 0.52
CA GLY B 184 14.60 23.40 0.08
C GLY B 184 14.56 21.97 0.62
N HIS B 185 14.09 21.84 1.85
CA HIS B 185 14.11 20.57 2.55
C HIS B 185 13.13 19.53 2.00
N VAL B 186 12.12 19.97 1.26
CA VAL B 186 11.08 19.06 0.78
C VAL B 186 11.62 18.04 -0.21
N PHE B 187 12.81 18.30 -0.75
CA PHE B 187 13.41 17.38 -1.71
C PHE B 187 14.37 16.42 -1.02
N ASP B 188 14.55 16.60 0.29
CA ASP B 188 15.40 15.70 1.06
C ASP B 188 14.67 14.40 1.33
N ARG B 189 15.42 13.31 1.39
CA ARG B 189 14.83 12.00 1.63
C ARG B 189 14.34 11.90 3.08
N PHE B 190 13.10 11.45 3.22
CA PHE B 190 12.43 11.22 4.52
C PHE B 190 11.99 12.52 5.19
N PHE B 191 12.33 13.65 4.59
CA PHE B 191 11.85 14.94 5.10
C PHE B 191 10.38 15.15 4.79
N ARG B 192 9.60 15.45 5.83
CA ARG B 192 8.21 15.81 5.66
C ARG B 192 7.94 17.06 6.48
N VAL B 193 7.02 17.89 6.03
CA VAL B 193 6.69 19.11 6.76
C VAL B 193 6.06 18.71 8.09
N ASP B 194 6.65 19.19 9.19
CA ASP B 194 6.16 18.84 10.51
C ASP B 194 5.13 19.85 11.02
N LYS B 195 3.91 19.75 10.50
CA LYS B 195 2.83 20.58 11.00
C LYS B 195 1.57 19.71 10.85
N ALA B 196 0.40 20.21 11.26
CA ALA B 196 -0.81 19.40 11.21
C ALA B 196 -1.71 19.82 10.04
N ARG B 197 -2.46 18.87 9.53
CA ARG B 197 -3.29 19.10 8.35
C ARG B 197 -4.77 18.98 8.68
N SER B 198 -5.62 19.03 7.65
CA SER B 198 -7.06 18.90 7.84
C SER B 198 -7.49 17.43 7.80
N GLN B 201 -2.62 12.21 5.04
CA GLN B 201 -2.06 13.28 5.84
C GLN B 201 -0.53 13.21 5.84
N GLY B 202 0.01 12.18 5.20
CA GLY B 202 1.45 12.02 5.10
C GLY B 202 1.93 10.59 5.21
N GLY B 203 3.11 10.34 4.65
CA GLY B 203 3.67 9.00 4.64
C GLY B 203 5.16 8.92 4.96
N THR B 204 5.94 8.52 3.97
CA THR B 204 7.38 8.26 4.16
C THR B 204 8.27 9.48 3.95
N GLY B 205 7.94 10.32 2.98
CA GLY B 205 8.83 11.40 2.60
C GLY B 205 9.86 10.95 1.57
N LEU B 206 9.45 10.04 0.69
CA LEU B 206 10.35 9.51 -0.33
C LEU B 206 10.02 10.03 -1.71
N GLY B 207 8.81 10.56 -1.87
CA GLY B 207 8.33 11.02 -3.16
C GLY B 207 9.16 12.07 -3.88
N LEU B 208 9.38 13.21 -3.24
CA LEU B 208 10.10 14.31 -3.88
C LEU B 208 11.60 14.05 -3.99
N ALA B 209 12.15 13.24 -3.09
CA ALA B 209 13.57 12.90 -3.15
C ALA B 209 13.84 12.01 -4.37
N ILE B 210 12.99 11.00 -4.54
CA ILE B 210 13.05 10.13 -5.70
C ILE B 210 12.82 10.94 -6.98
N SER B 211 11.79 11.77 -6.95
CA SER B 211 11.43 12.61 -8.08
C SER B 211 12.56 13.55 -8.50
N LYS B 212 13.32 14.05 -7.53
CA LYS B 212 14.38 15.01 -7.81
C LYS B 212 15.53 14.42 -8.62
N GLU B 213 15.97 13.22 -8.26
CA GLU B 213 17.16 12.66 -8.87
C GLU B 213 16.85 12.03 -10.24
N VAL B 214 15.58 11.71 -10.47
CA VAL B 214 15.16 11.28 -11.79
C VAL B 214 15.27 12.48 -12.74
N VAL B 215 14.79 13.62 -12.27
CA VAL B 215 14.87 14.86 -13.04
C VAL B 215 16.32 15.26 -13.29
N GLN B 216 17.16 15.07 -12.29
CA GLN B 216 18.59 15.36 -12.43
C GLN B 216 19.28 14.36 -13.36
N MET B 217 18.78 13.13 -13.39
CA MET B 217 19.33 12.11 -14.27
C MET B 217 19.02 12.43 -15.73
N LEU B 218 17.91 13.11 -15.94
CA LEU B 218 17.47 13.47 -17.29
C LEU B 218 18.08 14.80 -17.74
N GLY B 219 18.94 15.37 -16.90
CA GLY B 219 19.62 16.60 -17.25
C GLY B 219 18.78 17.82 -16.92
N GLY B 220 17.80 17.64 -16.05
CA GLY B 220 16.85 18.69 -15.76
C GLY B 220 16.99 19.37 -14.41
N ARG B 221 15.95 20.12 -14.05
CA ARG B 221 15.95 20.92 -12.83
C ARG B 221 14.55 20.92 -12.22
N ILE B 222 14.48 20.93 -10.89
CA ILE B 222 13.19 20.96 -10.20
C ILE B 222 13.24 21.90 -8.99
N TRP B 223 12.19 22.67 -8.79
CA TRP B 223 12.12 23.61 -7.68
C TRP B 223 10.68 23.98 -7.35
N VAL B 224 10.46 24.62 -6.20
CA VAL B 224 9.11 24.87 -5.73
C VAL B 224 8.95 26.26 -5.12
N ASP B 225 7.79 26.86 -5.33
CA ASP B 225 7.41 28.12 -4.70
C ASP B 225 6.10 27.90 -3.97
N SER B 226 5.91 28.56 -2.82
CA SER B 226 4.70 28.33 -2.02
C SER B 226 4.33 29.46 -1.07
N VAL B 227 3.02 29.63 -0.88
CA VAL B 227 2.49 30.49 0.18
C VAL B 227 1.71 29.57 1.12
N GLU B 228 2.09 29.58 2.39
CA GLU B 228 1.62 28.58 3.35
C GLU B 228 0.11 28.49 3.56
N GLY B 229 -0.64 29.51 3.16
CA GLY B 229 -2.08 29.43 3.34
C GLY B 229 -2.88 29.05 2.10
N LYS B 230 -2.34 29.37 0.93
CA LYS B 230 -3.12 29.23 -0.30
C LYS B 230 -2.69 28.05 -1.18
N GLY B 231 -1.39 27.78 -1.26
CA GLY B 231 -0.94 26.65 -2.05
C GLY B 231 0.49 26.68 -2.55
N SER B 232 0.80 25.75 -3.46
CA SER B 232 2.17 25.54 -3.93
C SER B 232 2.27 25.44 -5.45
N THR B 233 3.43 25.77 -5.99
CA THR B 233 3.71 25.52 -7.40
C THR B 233 5.06 24.83 -7.57
N PHE B 234 5.04 23.64 -8.17
CA PHE B 234 6.26 22.90 -8.44
C PHE B 234 6.67 23.09 -9.89
N TYR B 235 7.97 23.20 -10.12
CA TYR B 235 8.48 23.42 -11.47
C TYR B 235 9.43 22.31 -11.90
N ILE B 236 9.31 21.86 -13.14
CA ILE B 236 10.31 20.98 -13.74
C ILE B 236 10.85 21.59 -15.03
N SER B 237 12.17 21.65 -15.15
CA SER B 237 12.79 22.12 -16.38
C SER B 237 13.59 20.99 -17.03
N LEU B 238 13.34 20.77 -18.32
CA LEU B 238 14.07 19.79 -19.10
C LEU B 238 14.71 20.43 -20.32
N PRO B 239 15.91 19.95 -20.70
CA PRO B 239 16.58 20.40 -21.91
C PRO B 239 15.70 20.19 -23.14
N TYR B 240 15.65 21.18 -24.03
CA TYR B 240 14.81 21.13 -25.21
C TYR B 240 15.58 20.54 -26.38
N GLU B 241 16.44 21.35 -26.98
CA GLU B 241 17.33 20.91 -28.06
C GLU B 241 18.27 22.05 -28.47
#